data_2XBK
#
_entry.id   2XBK
#
_cell.length_a   99.920
_cell.length_b   99.690
_cell.length_c   58.505
_cell.angle_alpha   90.00
_cell.angle_beta   111.92
_cell.angle_gamma   90.00
#
_symmetry.space_group_name_H-M   'C 1 2 1'
#
loop_
_entity.id
_entity.type
_entity.pdbx_description
1 polymer 'PIMD PROTEIN'
2 non-polymer 'PROTOPORPHYRIN IX CONTAINING FE'
3 non-polymer 4,5-DE-EPOXYPIMARICIN
4 water water
#
_entity_poly.entity_id   1
_entity_poly.type   'polypeptide(L)'
_entity_poly.pdbx_seq_one_letter_code
;MRGSHHHHHHGSHDLPCLNLEPPKMLKLSPLLRALQDRGPIHRVRTPAGDEAWLVTRHAELKQLLHDERIGRTHPDPPSA
AQYVRSPFLDLLISDADAESGRRQHAETRRLLTPLFSARRVLEMQPKVEEAADTLLDAFIAQGPPGDLHGELTVPFALTV
LCEVIGVPPQRRAELTTLLAGIAKLDDREGAVRAQDDLFGYVAGLVEHKRAEPGPDIISRLNDGELTEDRVAHLAMGLLF
AGLDSVASIMDNGVVLLAAHPDQRAAALADPDVMARAVEEVLRTARAGGSVLPPRYASEDMEFGGVTIRAGDLVLFDLGL
PNFDERAFTGPEEFDAARTPNPHLTFGHGIWHCIGAPLARLELRTMFTKLFTRLPELRPELPVEQLRLKEGQLSGGFAEL
RVVW
;
_entity_poly.pdbx_strand_id   A
#
# COMPACT_ATOMS: atom_id res chain seq x y z
N ASP A 14 5.95 18.64 -25.32
CA ASP A 14 7.07 18.04 -24.54
C ASP A 14 6.64 17.97 -23.05
N LEU A 15 6.02 16.88 -22.65
CA LEU A 15 5.70 16.77 -21.22
C LEU A 15 6.76 15.88 -20.62
N PRO A 16 7.20 16.17 -19.37
CA PRO A 16 8.14 15.18 -18.80
C PRO A 16 7.49 13.85 -18.75
N CYS A 17 8.28 12.82 -19.00
CA CYS A 17 7.72 11.50 -19.11
C CYS A 17 8.16 10.58 -17.94
N LEU A 18 7.17 10.11 -17.16
CA LEU A 18 7.46 9.31 -15.93
C LEU A 18 7.86 7.90 -16.32
N ASN A 19 8.49 7.15 -15.44
CA ASN A 19 8.90 5.81 -15.84
C ASN A 19 8.62 4.85 -14.67
N LEU A 20 8.90 3.59 -14.89
CA LEU A 20 8.74 2.58 -13.85
C LEU A 20 10.09 2.12 -13.32
N GLU A 21 11.10 2.99 -13.35
CA GLU A 21 12.43 2.50 -12.84
C GLU A 21 12.46 2.40 -11.31
N PRO A 22 13.18 1.39 -10.77
CA PRO A 22 13.16 1.27 -9.31
C PRO A 22 13.84 2.52 -8.68
N PRO A 23 13.34 2.99 -7.53
CA PRO A 23 14.00 4.11 -6.89
C PRO A 23 15.33 3.68 -6.23
N LYS A 24 16.20 4.64 -5.95
CA LYS A 24 17.43 4.38 -5.14
C LYS A 24 17.05 4.55 -3.66
N MET A 25 17.88 4.08 -2.77
CA MET A 25 17.62 4.19 -1.32
C MET A 25 17.76 5.67 -0.83
N LEU A 26 16.78 6.16 -0.05
CA LEU A 26 16.83 7.48 0.55
C LEU A 26 17.12 8.68 -0.39
N LYS A 27 16.74 8.59 -1.66
CA LYS A 27 16.99 9.76 -2.53
C LYS A 27 15.98 9.75 -3.68
N LEU A 28 15.28 10.86 -3.91
CA LEU A 28 14.42 10.97 -5.12
C LEU A 28 15.25 10.89 -6.43
N SER A 29 14.69 10.32 -7.49
CA SER A 29 15.37 10.25 -8.77
C SER A 29 15.61 11.67 -9.27
N PRO A 30 16.60 11.83 -10.14
CA PRO A 30 16.80 13.12 -10.74
C PRO A 30 15.56 13.76 -11.38
N LEU A 31 14.73 12.98 -12.08
CA LEU A 31 13.51 13.60 -12.65
C LEU A 31 12.55 14.09 -11.56
N LEU A 32 12.39 13.27 -10.50
CA LEU A 32 11.47 13.65 -9.44
C LEU A 32 12.01 14.78 -8.63
N ARG A 33 13.35 14.80 -8.33
CA ARG A 33 13.90 15.95 -7.63
C ARG A 33 13.72 17.22 -8.49
N ALA A 34 13.98 17.12 -9.79
CA ALA A 34 13.88 18.31 -10.67
C ALA A 34 12.45 18.84 -10.70
N LEU A 35 11.47 17.94 -10.81
CA LEU A 35 10.08 18.38 -10.78
C LEU A 35 9.65 19.03 -9.39
N GLN A 36 10.05 18.39 -8.28
CA GLN A 36 9.78 18.97 -6.97
C GLN A 36 10.43 20.36 -6.77
N ASP A 37 11.68 20.51 -7.24
CA ASP A 37 12.38 21.82 -7.21
C ASP A 37 11.69 22.87 -8.06
N ARG A 38 11.10 22.44 -9.17
N ARG A 38 11.16 22.47 -9.21
CA ARG A 38 10.64 23.46 -10.15
CA ARG A 38 10.64 23.51 -10.16
C ARG A 38 9.17 23.87 -10.07
C ARG A 38 9.32 24.09 -9.68
N GLY A 39 8.41 23.24 -9.19
CA GLY A 39 7.08 23.79 -8.76
C GLY A 39 6.26 22.70 -8.13
N PRO A 40 5.08 23.06 -7.57
CA PRO A 40 4.31 22.08 -6.80
C PRO A 40 3.43 21.16 -7.66
N ILE A 41 3.25 21.49 -8.94
CA ILE A 41 2.42 20.65 -9.78
C ILE A 41 2.81 20.69 -11.30
N HIS A 42 2.84 19.54 -11.98
CA HIS A 42 3.28 19.52 -13.40
C HIS A 42 2.42 18.59 -14.24
N ARG A 43 2.08 19.04 -15.45
CA ARG A 43 1.54 18.17 -16.45
C ARG A 43 2.65 17.20 -16.96
N VAL A 44 2.34 15.90 -16.94
CA VAL A 44 3.31 14.85 -17.25
C VAL A 44 2.70 13.79 -18.16
N ARG A 45 3.51 12.89 -18.66
CA ARG A 45 3.05 11.77 -19.40
C ARG A 45 3.34 10.54 -18.55
N THR A 46 2.43 9.55 -18.57
CA THR A 46 2.56 8.37 -17.73
C THR A 46 3.22 7.23 -18.46
N PRO A 47 3.61 6.17 -17.73
CA PRO A 47 4.13 4.96 -18.39
C PRO A 47 3.15 4.33 -19.37
N ALA A 48 1.86 4.59 -19.20
CA ALA A 48 0.88 4.08 -20.14
C ALA A 48 0.79 5.03 -21.35
N GLY A 49 1.42 6.22 -21.32
CA GLY A 49 1.40 7.09 -22.46
C GLY A 49 0.32 8.16 -22.37
N ASP A 50 -0.40 8.29 -21.24
CA ASP A 50 -1.45 9.27 -21.11
C ASP A 50 -0.95 10.48 -20.39
N GLU A 51 -1.69 11.57 -20.41
CA GLU A 51 -1.30 12.79 -19.72
C GLU A 51 -1.89 12.83 -18.29
N ALA A 52 -1.19 13.52 -17.37
CA ALA A 52 -1.62 13.52 -15.95
C ALA A 52 -1.06 14.72 -15.27
N TRP A 53 -1.61 15.03 -14.11
CA TRP A 53 -0.97 16.00 -13.28
C TRP A 53 -0.18 15.29 -12.19
N LEU A 54 1.05 15.74 -11.94
CA LEU A 54 1.83 15.17 -10.83
C LEU A 54 1.98 16.26 -9.77
N VAL A 55 1.55 15.97 -8.53
CA VAL A 55 1.69 16.95 -7.42
C VAL A 55 2.98 16.55 -6.68
N THR A 56 3.85 17.50 -6.38
CA THR A 56 5.20 17.15 -6.01
C THR A 56 5.61 17.55 -4.62
N ARG A 57 4.76 18.31 -3.90
CA ARG A 57 5.15 18.82 -2.60
C ARG A 57 4.15 18.38 -1.54
N HIS A 58 4.61 18.25 -0.31
CA HIS A 58 3.82 17.73 0.79
C HIS A 58 2.60 18.62 1.07
N ALA A 59 2.78 19.96 1.15
CA ALA A 59 1.60 20.79 1.49
C ALA A 59 0.50 20.66 0.44
N GLU A 60 0.86 20.75 -0.85
CA GLU A 60 -0.10 20.71 -1.91
C GLU A 60 -0.70 19.30 -2.03
N LEU A 61 0.08 18.23 -1.86
CA LEU A 61 -0.47 16.88 -1.99
C LEU A 61 -1.49 16.72 -0.86
N LYS A 62 -1.11 17.12 0.36
CA LYS A 62 -1.99 16.97 1.50
C LYS A 62 -3.22 17.82 1.28
N GLN A 63 -3.07 18.96 0.63
CA GLN A 63 -4.25 19.76 0.34
C GLN A 63 -5.19 19.08 -0.74
N LEU A 64 -4.63 18.47 -1.79
CA LEU A 64 -5.49 17.75 -2.73
C LEU A 64 -6.20 16.53 -2.10
N LEU A 65 -5.57 15.90 -1.10
CA LEU A 65 -6.19 14.73 -0.42
C LEU A 65 -7.44 15.15 0.34
N HIS A 66 -7.61 16.45 0.54
CA HIS A 66 -8.82 16.95 1.26
C HIS A 66 -9.80 17.70 0.35
N ASP A 67 -9.49 17.74 -0.93
CA ASP A 67 -10.26 18.52 -1.89
C ASP A 67 -11.28 17.58 -2.49
N GLU A 68 -12.55 17.86 -2.27
CA GLU A 68 -13.55 16.87 -2.74
C GLU A 68 -13.81 16.94 -4.27
N ARG A 69 -13.15 17.87 -4.96
CA ARG A 69 -13.19 17.87 -6.44
C ARG A 69 -12.37 16.74 -7.05
N ILE A 70 -11.54 16.06 -6.26
CA ILE A 70 -10.73 14.98 -6.82
C ILE A 70 -11.21 13.60 -6.29
N GLY A 71 -11.59 12.67 -7.15
CA GLY A 71 -12.18 11.44 -6.64
C GLY A 71 -12.12 10.30 -7.62
N ARG A 72 -12.87 9.24 -7.33
N ARG A 72 -12.87 9.24 -7.32
CA ARG A 72 -12.81 8.05 -8.15
CA ARG A 72 -12.84 7.98 -8.10
C ARG A 72 -14.02 7.96 -9.08
C ARG A 72 -13.90 7.95 -9.23
N THR A 73 -14.48 9.09 -9.57
CA THR A 73 -15.49 9.09 -10.62
C THR A 73 -14.96 9.76 -11.87
N HIS A 74 -15.48 9.37 -13.03
CA HIS A 74 -15.07 9.97 -14.28
C HIS A 74 -16.24 9.79 -15.27
N PRO A 75 -16.51 10.81 -16.11
CA PRO A 75 -17.69 10.65 -17.00
C PRO A 75 -17.60 9.39 -17.86
N ASP A 76 -16.40 9.03 -18.31
CA ASP A 76 -16.21 7.96 -19.29
C ASP A 76 -15.02 7.03 -18.93
N PRO A 77 -15.18 6.21 -17.89
CA PRO A 77 -14.10 5.39 -17.32
C PRO A 77 -13.27 4.64 -18.36
N PRO A 78 -13.90 4.21 -19.49
CA PRO A 78 -12.93 3.38 -20.28
C PRO A 78 -12.03 4.21 -21.19
N SER A 79 -12.31 5.48 -21.32
CA SER A 79 -11.35 6.28 -21.99
C SER A 79 -10.54 7.18 -21.04
N ALA A 80 -10.67 7.03 -19.70
CA ALA A 80 -9.93 7.90 -18.74
C ALA A 80 -8.40 7.69 -18.77
N ALA A 81 -7.61 8.77 -18.60
CA ALA A 81 -6.15 8.69 -18.56
C ALA A 81 -5.75 7.80 -17.37
N GLN A 82 -4.71 7.01 -17.60
CA GLN A 82 -4.18 6.04 -16.61
C GLN A 82 -2.67 6.12 -16.44
N TYR A 83 -2.20 5.68 -15.27
CA TYR A 83 -0.78 5.65 -15.01
C TYR A 83 -0.22 4.36 -15.59
N VAL A 84 -0.88 3.22 -15.26
CA VAL A 84 -0.56 1.90 -15.82
C VAL A 84 -1.93 1.29 -16.17
N ARG A 85 -1.95 0.29 -17.06
CA ARG A 85 -3.20 -0.40 -17.48
C ARG A 85 -3.48 -1.59 -16.59
N SER A 86 -4.49 -1.49 -15.74
CA SER A 86 -4.83 -2.54 -14.80
C SER A 86 -6.31 -2.78 -14.74
N PRO A 87 -6.80 -3.98 -15.19
CA PRO A 87 -8.23 -4.26 -14.97
C PRO A 87 -8.62 -4.25 -13.47
N PHE A 88 -7.70 -4.60 -12.55
CA PHE A 88 -8.02 -4.41 -11.12
C PHE A 88 -8.27 -2.90 -10.73
N LEU A 89 -7.40 -1.99 -11.14
CA LEU A 89 -7.63 -0.60 -10.82
C LEU A 89 -8.88 -0.07 -11.49
N ASP A 90 -9.17 -0.51 -12.72
CA ASP A 90 -10.43 -0.10 -13.40
C ASP A 90 -11.67 -0.33 -12.53
N LEU A 91 -11.68 -1.37 -11.68
CA LEU A 91 -12.86 -1.62 -10.77
C LEU A 91 -13.16 -0.45 -9.86
N LEU A 92 -12.15 0.41 -9.56
CA LEU A 92 -12.29 1.51 -8.64
C LEU A 92 -13.02 2.73 -9.17
N ILE A 93 -12.98 2.92 -10.48
CA ILE A 93 -13.53 4.12 -11.09
C ILE A 93 -14.98 3.89 -11.60
N SER A 94 -15.93 4.79 -11.37
CA SER A 94 -17.30 4.55 -11.90
C SER A 94 -17.72 5.83 -12.59
N ASP A 95 -18.80 5.77 -13.37
CA ASP A 95 -19.37 7.02 -13.88
C ASP A 95 -20.49 7.65 -13.01
N ALA A 96 -20.51 7.29 -11.73
CA ALA A 96 -21.41 7.91 -10.79
C ALA A 96 -21.10 9.40 -10.81
N ASP A 97 -22.04 10.27 -10.43
CA ASP A 97 -21.65 11.68 -10.33
C ASP A 97 -20.77 11.88 -9.06
N ALA A 98 -20.13 13.04 -8.91
CA ALA A 98 -19.09 13.19 -7.88
C ALA A 98 -19.68 12.97 -6.46
N GLU A 99 -20.86 13.54 -6.18
CA GLU A 99 -21.54 13.37 -4.88
C GLU A 99 -21.92 11.94 -4.57
N SER A 100 -22.43 11.19 -5.54
N SER A 100 -22.43 11.20 -5.55
CA SER A 100 -22.81 9.80 -5.24
CA SER A 100 -22.83 9.83 -5.32
C SER A 100 -21.59 8.91 -4.97
C SER A 100 -21.61 8.93 -4.99
N GLY A 101 -20.52 9.15 -5.74
CA GLY A 101 -19.22 8.45 -5.51
C GLY A 101 -18.70 8.77 -4.11
N ARG A 102 -18.71 10.04 -3.72
CA ARG A 102 -18.19 10.43 -2.42
C ARG A 102 -19.07 9.81 -1.28
N ARG A 103 -20.38 9.71 -1.52
N ARG A 103 -20.39 9.73 -1.45
CA ARG A 103 -21.30 8.98 -0.64
CA ARG A 103 -21.25 9.13 -0.41
C ARG A 103 -20.92 7.50 -0.59
C ARG A 103 -20.98 7.62 -0.24
N GLN A 104 -20.70 6.90 -1.75
N GLN A 104 -20.82 6.90 -1.35
CA GLN A 104 -20.39 5.49 -1.67
CA GLN A 104 -20.54 5.47 -1.23
C GLN A 104 -19.19 5.35 -0.75
C GLN A 104 -19.11 5.25 -0.70
N HIS A 105 -18.15 6.11 -1.04
CA HIS A 105 -16.85 6.05 -0.35
C HIS A 105 -17.00 6.30 1.19
N ALA A 106 -17.74 7.35 1.56
CA ALA A 106 -18.00 7.61 2.99
C ALA A 106 -18.66 6.40 3.68
N GLU A 107 -19.62 5.76 3.01
CA GLU A 107 -20.29 4.60 3.62
C GLU A 107 -19.31 3.46 3.85
N THR A 108 -18.47 3.22 2.86
CA THR A 108 -17.39 2.23 2.93
C THR A 108 -16.47 2.52 4.16
N ARG A 109 -16.13 3.79 4.35
CA ARG A 109 -15.26 4.07 5.47
C ARG A 109 -15.93 3.89 6.78
N ARG A 110 -17.22 4.25 6.91
N ARG A 110 -17.21 4.27 6.87
CA ARG A 110 -18.00 3.97 8.14
CA ARG A 110 -18.04 4.02 8.05
C ARG A 110 -18.02 2.49 8.50
C ARG A 110 -18.08 2.53 8.47
N LEU A 111 -18.11 1.63 7.49
CA LEU A 111 -18.21 0.19 7.78
C LEU A 111 -16.81 -0.40 8.06
N LEU A 112 -15.74 0.05 7.39
CA LEU A 112 -14.42 -0.58 7.60
C LEU A 112 -13.66 -0.03 8.82
N THR A 113 -13.84 1.28 9.08
N THR A 113 -13.79 1.28 9.13
CA THR A 113 -13.17 1.96 10.18
CA THR A 113 -12.97 1.80 10.24
C THR A 113 -13.28 1.25 11.56
C THR A 113 -13.21 1.11 11.61
N PRO A 114 -14.49 0.86 12.01
CA PRO A 114 -14.60 0.13 13.30
C PRO A 114 -13.91 -1.24 13.36
N LEU A 115 -13.60 -1.84 12.23
CA LEU A 115 -13.01 -3.23 12.22
C LEU A 115 -11.60 -3.18 12.79
N PHE A 116 -11.05 -1.96 12.83
CA PHE A 116 -9.68 -1.76 13.28
C PHE A 116 -9.57 -0.82 14.50
N SER A 117 -10.60 -0.84 15.35
CA SER A 117 -10.55 -0.06 16.57
C SER A 117 -9.39 -0.54 17.45
N ALA A 118 -8.96 0.32 18.37
CA ALA A 118 -7.86 -0.01 19.28
C ALA A 118 -8.18 -1.33 20.00
N ARG A 119 -9.40 -1.53 20.37
CA ARG A 119 -9.76 -2.78 21.10
C ARG A 119 -9.60 -4.01 20.20
N ARG A 120 -10.10 -3.87 18.96
CA ARG A 120 -10.03 -5.00 18.05
C ARG A 120 -8.58 -5.26 17.64
N VAL A 121 -7.78 -4.21 17.50
CA VAL A 121 -6.40 -4.40 17.15
C VAL A 121 -5.61 -5.09 18.30
N LEU A 122 -5.95 -4.71 19.53
CA LEU A 122 -5.34 -5.39 20.72
C LEU A 122 -5.75 -6.89 20.74
N GLU A 123 -7.00 -7.17 20.40
CA GLU A 123 -7.43 -8.59 20.31
C GLU A 123 -6.69 -9.32 19.19
N MET A 124 -6.25 -8.63 18.13
CA MET A 124 -5.52 -9.30 17.00
C MET A 124 -4.09 -9.67 17.38
N GLN A 125 -3.54 -8.95 18.37
CA GLN A 125 -2.11 -9.03 18.64
C GLN A 125 -1.58 -10.47 18.89
N PRO A 126 -2.24 -11.27 19.78
CA PRO A 126 -1.69 -12.64 20.04
C PRO A 126 -1.46 -13.44 18.73
N LYS A 127 -2.46 -13.46 17.85
CA LYS A 127 -2.28 -14.22 16.60
C LYS A 127 -1.28 -13.58 15.65
N VAL A 128 -1.17 -12.22 15.63
CA VAL A 128 -0.10 -11.64 14.82
C VAL A 128 1.28 -12.13 15.37
N GLU A 129 1.46 -12.10 16.67
CA GLU A 129 2.73 -12.53 17.24
C GLU A 129 3.00 -14.04 17.05
N GLU A 130 1.95 -14.87 17.16
N GLU A 130 1.94 -14.84 17.15
CA GLU A 130 2.11 -16.31 16.93
CA GLU A 130 2.03 -16.28 16.98
C GLU A 130 2.59 -16.54 15.52
C GLU A 130 2.44 -16.63 15.54
N ALA A 131 1.88 -15.91 14.55
CA ALA A 131 2.22 -16.10 13.13
C ALA A 131 3.67 -15.69 12.80
N ALA A 132 4.12 -14.55 13.36
CA ALA A 132 5.49 -14.13 13.16
C ALA A 132 6.45 -15.19 13.76
N ASP A 133 6.20 -15.63 14.99
CA ASP A 133 7.06 -16.76 15.56
C ASP A 133 7.15 -17.98 14.65
N THR A 134 5.99 -18.50 14.24
CA THR A 134 5.97 -19.69 13.42
C THR A 134 6.78 -19.53 12.13
N LEU A 135 6.52 -18.43 11.45
CA LEU A 135 7.22 -18.21 10.18
C LEU A 135 8.72 -17.92 10.36
N LEU A 136 9.06 -17.21 11.42
CA LEU A 136 10.47 -16.90 11.59
C LEU A 136 11.27 -18.20 11.99
N ASP A 137 10.70 -19.03 12.87
CA ASP A 137 11.26 -20.40 13.18
C ASP A 137 11.57 -21.16 11.86
N ALA A 138 10.58 -21.26 10.98
CA ALA A 138 10.76 -21.99 9.73
C ALA A 138 11.87 -21.34 8.89
N PHE A 139 11.90 -20.01 8.89
CA PHE A 139 12.80 -19.30 8.02
C PHE A 139 14.24 -19.59 8.50
N ILE A 140 14.41 -19.51 9.82
CA ILE A 140 15.69 -19.70 10.44
C ILE A 140 16.18 -21.16 10.32
N ALA A 141 15.27 -22.12 10.55
CA ALA A 141 15.54 -23.58 10.41
C ALA A 141 16.16 -23.87 9.03
N GLN A 142 15.61 -23.19 8.03
CA GLN A 142 16.05 -23.33 6.67
C GLN A 142 17.48 -22.82 6.42
N GLY A 143 17.96 -21.91 7.28
CA GLY A 143 19.32 -21.37 7.26
C GLY A 143 19.65 -20.39 6.16
N PRO A 144 20.73 -19.61 6.34
CA PRO A 144 21.03 -18.55 5.38
C PRO A 144 21.74 -19.13 4.16
N PRO A 145 21.69 -18.44 3.00
CA PRO A 145 20.86 -17.24 2.69
C PRO A 145 19.42 -17.65 2.52
N GLY A 146 18.48 -16.74 2.73
CA GLY A 146 17.05 -17.07 2.60
C GLY A 146 16.39 -15.90 1.85
N ASP A 147 15.36 -16.22 1.05
CA ASP A 147 14.59 -15.16 0.43
C ASP A 147 13.63 -14.56 1.48
N LEU A 148 14.01 -13.45 2.08
CA LEU A 148 13.17 -12.78 3.10
C LEU A 148 11.77 -12.45 2.58
N HIS A 149 11.70 -12.05 1.31
CA HIS A 149 10.47 -11.61 0.71
C HIS A 149 9.51 -12.77 0.51
N GLY A 150 9.96 -13.75 -0.26
CA GLY A 150 9.10 -14.90 -0.54
C GLY A 150 8.84 -15.83 0.63
N GLU A 151 9.76 -15.93 1.58
CA GLU A 151 9.61 -16.96 2.63
C GLU A 151 9.25 -16.39 3.93
N LEU A 152 9.25 -15.06 4.02
CA LEU A 152 8.94 -14.48 5.32
C LEU A 152 7.92 -13.31 5.22
N THR A 153 8.29 -12.22 4.57
CA THR A 153 7.38 -11.06 4.66
C THR A 153 6.05 -11.27 3.94
N VAL A 154 6.05 -11.76 2.70
CA VAL A 154 4.78 -12.03 2.03
C VAL A 154 3.94 -13.09 2.81
N PRO A 155 4.52 -14.24 3.18
CA PRO A 155 3.63 -15.16 3.92
C PRO A 155 3.14 -14.65 5.28
N PHE A 156 3.96 -13.87 5.99
CA PHE A 156 3.49 -13.30 7.25
C PHE A 156 2.33 -12.31 7.01
N ALA A 157 2.51 -11.38 6.07
CA ALA A 157 1.41 -10.38 5.83
C ALA A 157 0.11 -11.16 5.39
N LEU A 158 0.26 -12.16 4.54
CA LEU A 158 -0.93 -12.94 4.10
C LEU A 158 -1.58 -13.74 5.21
N THR A 159 -0.75 -14.38 6.01
CA THR A 159 -1.30 -15.13 7.16
C THR A 159 -2.08 -14.24 8.08
N VAL A 160 -1.51 -13.10 8.44
CA VAL A 160 -2.18 -12.17 9.33
C VAL A 160 -3.51 -11.70 8.72
N LEU A 161 -3.43 -11.30 7.43
CA LEU A 161 -4.60 -10.81 6.71
C LEU A 161 -5.71 -11.87 6.64
N CYS A 162 -5.35 -13.10 6.30
CA CYS A 162 -6.34 -14.21 6.25
C CYS A 162 -7.04 -14.38 7.58
N GLU A 163 -6.29 -14.35 8.68
CA GLU A 163 -6.87 -14.56 10.02
C GLU A 163 -7.83 -13.44 10.38
N VAL A 164 -7.47 -12.21 10.02
CA VAL A 164 -8.30 -11.07 10.35
C VAL A 164 -9.60 -11.03 9.50
N ILE A 165 -9.45 -11.37 8.22
CA ILE A 165 -10.54 -11.28 7.25
C ILE A 165 -11.50 -12.47 7.40
N GLY A 166 -10.96 -13.66 7.75
CA GLY A 166 -11.73 -14.88 7.96
C GLY A 166 -11.53 -15.92 6.88
N VAL A 167 -10.40 -15.84 6.17
CA VAL A 167 -9.98 -16.85 5.22
C VAL A 167 -9.22 -17.98 5.88
N PRO A 168 -9.64 -19.24 5.66
CA PRO A 168 -8.93 -20.36 6.30
C PRO A 168 -7.46 -20.36 5.99
N PRO A 169 -6.60 -20.76 6.96
CA PRO A 169 -5.14 -20.73 6.68
C PRO A 169 -4.67 -21.63 5.56
N GLN A 170 -5.46 -22.65 5.18
CA GLN A 170 -5.00 -23.63 4.19
C GLN A 170 -5.01 -22.99 2.86
N ARG A 171 -5.66 -21.81 2.74
CA ARG A 171 -5.78 -21.18 1.44
C ARG A 171 -4.58 -20.31 1.06
N ARG A 172 -3.63 -20.15 1.97
CA ARG A 172 -2.52 -19.18 1.80
C ARG A 172 -1.71 -19.36 0.46
N ALA A 173 -1.27 -20.58 0.14
CA ALA A 173 -0.56 -20.77 -1.15
C ALA A 173 -1.41 -20.34 -2.38
N GLU A 174 -2.66 -20.76 -2.35
CA GLU A 174 -3.57 -20.48 -3.43
C GLU A 174 -3.92 -18.96 -3.61
N LEU A 175 -4.11 -18.25 -2.48
CA LEU A 175 -4.29 -16.79 -2.57
C LEU A 175 -3.01 -16.08 -3.03
N THR A 176 -1.82 -16.58 -2.63
CA THR A 176 -0.57 -15.91 -3.05
C THR A 176 -0.53 -15.82 -4.57
N THR A 177 -0.91 -16.95 -5.21
CA THR A 177 -0.96 -17.03 -6.67
C THR A 177 -2.00 -16.11 -7.26
N LEU A 178 -3.23 -16.17 -6.76
CA LEU A 178 -4.31 -15.36 -7.31
C LEU A 178 -4.10 -13.83 -7.12
N LEU A 179 -3.64 -13.45 -5.93
CA LEU A 179 -3.46 -12.02 -5.65
C LEU A 179 -2.30 -11.47 -6.50
N ALA A 180 -1.33 -12.32 -6.89
CA ALA A 180 -0.32 -11.91 -7.89
C ALA A 180 -0.96 -11.78 -9.29
N GLY A 181 -1.84 -12.71 -9.59
CA GLY A 181 -2.49 -12.73 -10.88
C GLY A 181 -3.34 -11.51 -11.17
N ILE A 182 -4.19 -11.12 -10.22
CA ILE A 182 -5.02 -9.93 -10.43
C ILE A 182 -4.17 -8.65 -10.65
N ALA A 183 -2.93 -8.64 -10.17
CA ALA A 183 -2.10 -7.43 -10.26
C ALA A 183 -1.25 -7.32 -11.56
N LYS A 184 -1.29 -8.32 -12.46
CA LYS A 184 -0.52 -8.29 -13.75
C LYS A 184 -0.85 -7.09 -14.60
N LEU A 185 0.18 -6.42 -15.08
CA LEU A 185 -0.02 -5.25 -15.91
C LEU A 185 0.16 -5.57 -17.40
N ASP A 186 0.81 -6.68 -17.67
CA ASP A 186 1.31 -7.07 -19.01
C ASP A 186 0.48 -8.22 -19.65
N ASP A 187 -0.76 -8.43 -19.15
N ASP A 187 -0.76 -8.43 -19.15
CA ASP A 187 -1.50 -9.66 -19.47
CA ASP A 187 -1.50 -9.66 -19.47
C ASP A 187 -2.95 -9.50 -19.08
C ASP A 187 -2.95 -9.50 -19.08
N ARG A 188 -3.63 -8.57 -19.73
CA ARG A 188 -5.03 -8.25 -19.40
C ARG A 188 -5.93 -9.49 -19.17
N GLU A 189 -5.96 -10.44 -20.11
CA GLU A 189 -6.82 -11.63 -19.96
C GLU A 189 -6.42 -12.44 -18.74
N GLY A 190 -5.12 -12.61 -18.49
CA GLY A 190 -4.67 -13.40 -17.31
C GLY A 190 -5.10 -12.72 -15.99
N ALA A 191 -5.14 -11.39 -16.05
CA ALA A 191 -5.51 -10.59 -14.90
C ALA A 191 -7.02 -10.64 -14.66
N VAL A 192 -7.84 -10.41 -15.69
CA VAL A 192 -9.30 -10.65 -15.60
C VAL A 192 -9.68 -12.05 -15.09
N ARG A 193 -8.95 -13.06 -15.54
CA ARG A 193 -9.26 -14.42 -15.15
C ARG A 193 -8.91 -14.68 -13.67
N ALA A 194 -7.75 -14.18 -13.23
CA ALA A 194 -7.33 -14.30 -11.84
C ALA A 194 -8.36 -13.62 -10.96
N GLN A 195 -8.89 -12.50 -11.42
CA GLN A 195 -9.90 -11.76 -10.69
C GLN A 195 -11.24 -12.51 -10.54
N ASP A 196 -11.71 -13.08 -11.63
CA ASP A 196 -12.88 -13.96 -11.60
C ASP A 196 -12.69 -15.15 -10.62
N ASP A 197 -11.54 -15.81 -10.64
CA ASP A 197 -11.31 -16.95 -9.78
C ASP A 197 -11.27 -16.54 -8.27
N LEU A 198 -10.51 -15.48 -7.98
CA LEU A 198 -10.41 -15.02 -6.60
C LEU A 198 -11.79 -14.63 -6.13
N PHE A 199 -12.49 -13.84 -6.93
CA PHE A 199 -13.80 -13.37 -6.51
C PHE A 199 -14.73 -14.60 -6.29
N GLY A 200 -14.60 -15.64 -7.12
CA GLY A 200 -15.48 -16.81 -6.95
C GLY A 200 -15.19 -17.45 -5.60
N TYR A 201 -13.90 -17.52 -5.23
CA TYR A 201 -13.56 -18.11 -3.93
C TYR A 201 -14.14 -17.25 -2.77
N VAL A 202 -13.89 -15.94 -2.85
CA VAL A 202 -14.29 -15.04 -1.78
C VAL A 202 -15.78 -15.04 -1.62
N ALA A 203 -16.49 -14.95 -2.74
CA ALA A 203 -17.97 -15.01 -2.68
C ALA A 203 -18.47 -16.29 -2.07
N GLY A 204 -17.79 -17.43 -2.33
CA GLY A 204 -18.17 -18.71 -1.65
C GLY A 204 -17.93 -18.61 -0.12
N LEU A 205 -16.81 -17.98 0.26
CA LEU A 205 -16.44 -17.82 1.65
C LEU A 205 -17.45 -16.91 2.36
N VAL A 206 -17.85 -15.83 1.71
CA VAL A 206 -18.85 -14.91 2.31
C VAL A 206 -20.16 -15.65 2.59
N GLU A 207 -20.56 -16.50 1.64
CA GLU A 207 -21.81 -17.28 1.85
C GLU A 207 -21.64 -18.30 3.02
N HIS A 208 -20.52 -19.01 3.04
CA HIS A 208 -20.23 -19.84 4.17
C HIS A 208 -20.37 -19.07 5.49
N LYS A 209 -19.74 -17.89 5.55
CA LYS A 209 -19.76 -17.13 6.82
C LYS A 209 -21.15 -16.69 7.22
N ARG A 210 -22.08 -16.49 6.27
CA ARG A 210 -23.42 -16.08 6.71
C ARG A 210 -24.00 -17.24 7.55
N ALA A 211 -23.67 -18.48 7.16
CA ALA A 211 -24.27 -19.65 7.85
C ALA A 211 -23.52 -19.86 9.12
N GLU A 212 -22.22 -19.54 9.16
CA GLU A 212 -21.34 -19.80 10.33
C GLU A 212 -20.36 -18.63 10.59
N PRO A 213 -20.80 -17.59 11.33
CA PRO A 213 -20.02 -16.34 11.57
C PRO A 213 -18.90 -16.60 12.54
N GLY A 214 -17.81 -15.87 12.40
CA GLY A 214 -16.71 -15.94 13.32
C GLY A 214 -16.29 -14.49 13.68
N PRO A 215 -15.33 -14.36 14.59
CA PRO A 215 -14.82 -13.03 14.91
C PRO A 215 -13.87 -12.52 13.79
N ASP A 216 -14.41 -12.11 12.66
CA ASP A 216 -13.55 -11.78 11.53
C ASP A 216 -14.30 -10.74 10.69
N ILE A 217 -13.58 -10.07 9.82
CA ILE A 217 -14.18 -8.96 9.07
C ILE A 217 -15.39 -9.36 8.19
N ILE A 218 -15.26 -10.49 7.48
CA ILE A 218 -16.36 -10.95 6.63
C ILE A 218 -17.62 -11.08 7.43
N SER A 219 -17.57 -11.76 8.57
CA SER A 219 -18.79 -11.81 9.46
C SER A 219 -19.30 -10.45 9.92
N ARG A 220 -18.38 -9.57 10.30
CA ARG A 220 -18.78 -8.21 10.75
C ARG A 220 -19.42 -7.45 9.62
N LEU A 221 -18.90 -7.58 8.40
CA LEU A 221 -19.55 -6.94 7.27
C LEU A 221 -20.91 -7.57 6.90
N ASN A 222 -21.04 -8.90 7.02
CA ASN A 222 -22.32 -9.64 6.78
C ASN A 222 -23.43 -9.24 7.79
N ASP A 223 -23.01 -8.77 8.97
CA ASP A 223 -23.93 -8.35 10.00
C ASP A 223 -24.27 -6.88 9.69
N GLY A 224 -25.05 -6.61 8.67
CA GLY A 224 -25.29 -5.23 8.25
C GLY A 224 -26.24 -5.32 7.07
N GLU A 225 -26.22 -4.27 6.24
N GLU A 225 -26.32 -4.29 6.23
CA GLU A 225 -27.19 -4.14 5.15
CA GLU A 225 -27.28 -4.38 5.11
C GLU A 225 -26.56 -4.12 3.76
C GLU A 225 -26.65 -4.29 3.73
N LEU A 226 -25.46 -4.85 3.60
CA LEU A 226 -24.78 -4.85 2.30
C LEU A 226 -25.29 -6.05 1.51
N THR A 227 -25.17 -5.98 0.18
CA THR A 227 -25.40 -7.14 -0.65
C THR A 227 -24.23 -8.07 -0.50
N GLU A 228 -24.48 -9.35 -0.74
CA GLU A 228 -23.50 -10.42 -0.90
C GLU A 228 -22.35 -9.91 -1.82
N ASP A 229 -22.71 -9.24 -2.89
CA ASP A 229 -21.73 -8.84 -3.88
C ASP A 229 -20.76 -7.80 -3.31
N ARG A 230 -21.30 -6.82 -2.61
N ARG A 230 -21.32 -6.81 -2.60
CA ARG A 230 -20.45 -5.80 -2.05
CA ARG A 230 -20.56 -5.75 -1.95
C ARG A 230 -19.58 -6.36 -0.92
C ARG A 230 -19.65 -6.28 -0.85
N VAL A 231 -20.09 -7.32 -0.13
CA VAL A 231 -19.27 -7.88 0.93
C VAL A 231 -18.06 -8.54 0.30
N ALA A 232 -18.30 -9.31 -0.76
CA ALA A 232 -17.20 -10.00 -1.47
C ALA A 232 -16.14 -9.02 -2.06
N HIS A 233 -16.61 -7.99 -2.74
CA HIS A 233 -15.75 -6.95 -3.27
C HIS A 233 -14.92 -6.23 -2.20
N LEU A 234 -15.56 -5.87 -1.08
CA LEU A 234 -14.83 -5.28 0.07
C LEU A 234 -13.76 -6.26 0.59
N ALA A 235 -14.11 -7.56 0.77
CA ALA A 235 -13.13 -8.55 1.24
C ALA A 235 -11.94 -8.78 0.28
N MET A 236 -12.26 -8.82 -1.01
CA MET A 236 -11.24 -8.97 -2.01
C MET A 236 -10.32 -7.74 -2.03
N GLY A 237 -10.89 -6.54 -1.90
CA GLY A 237 -10.09 -5.35 -1.93
C GLY A 237 -9.15 -5.30 -0.73
N LEU A 238 -9.68 -5.67 0.46
CA LEU A 238 -8.86 -5.78 1.64
C LEU A 238 -7.71 -6.76 1.50
N LEU A 239 -7.97 -7.94 0.94
CA LEU A 239 -6.93 -8.92 0.69
C LEU A 239 -5.84 -8.36 -0.20
N PHE A 240 -6.21 -7.61 -1.24
CA PHE A 240 -5.16 -6.99 -2.08
C PHE A 240 -4.48 -5.80 -1.38
N ALA A 241 -5.24 -4.93 -0.72
CA ALA A 241 -4.67 -3.75 -0.03
C ALA A 241 -3.69 -4.04 1.10
N GLY A 242 -3.93 -5.11 1.82
CA GLY A 242 -3.10 -5.44 3.02
C GLY A 242 -1.97 -6.43 2.76
N LEU A 243 -1.76 -6.89 1.52
CA LEU A 243 -0.72 -7.94 1.36
C LEU A 243 0.66 -7.36 0.93
N ASP A 244 0.78 -6.94 -0.33
CA ASP A 244 2.10 -6.49 -0.82
C ASP A 244 2.54 -5.13 -0.25
N SER A 245 1.61 -4.35 0.25
CA SER A 245 1.95 -3.06 0.88
C SER A 245 2.79 -3.33 2.16
N VAL A 246 2.23 -4.20 3.01
CA VAL A 246 2.92 -4.63 4.24
C VAL A 246 4.28 -5.24 3.91
N ALA A 247 4.30 -6.11 2.88
CA ALA A 247 5.59 -6.72 2.50
C ALA A 247 6.62 -5.74 2.01
N SER A 248 6.19 -4.73 1.25
CA SER A 248 7.11 -3.75 0.72
C SER A 248 7.72 -2.93 1.86
N ILE A 249 6.88 -2.45 2.75
CA ILE A 249 7.38 -1.62 3.86
C ILE A 249 8.32 -2.53 4.74
N MET A 250 7.95 -3.79 4.92
CA MET A 250 8.72 -4.68 5.78
C MET A 250 10.07 -4.99 5.14
N ASP A 251 10.06 -5.33 3.84
CA ASP A 251 11.32 -5.66 3.08
C ASP A 251 12.26 -4.44 3.12
N ASN A 252 11.73 -3.26 2.77
CA ASN A 252 12.56 -2.08 2.80
C ASN A 252 13.01 -1.68 4.19
N GLY A 253 12.17 -1.91 5.24
CA GLY A 253 12.58 -1.60 6.59
C GLY A 253 13.77 -2.50 7.03
N VAL A 254 13.79 -3.74 6.57
CA VAL A 254 14.90 -4.62 6.85
C VAL A 254 16.16 -4.07 6.15
N VAL A 255 16.04 -3.67 4.88
CA VAL A 255 17.18 -3.09 4.20
C VAL A 255 17.68 -1.85 4.96
N LEU A 256 16.75 -0.97 5.33
CA LEU A 256 17.17 0.32 5.89
C LEU A 256 17.81 0.05 7.27
N LEU A 257 17.17 -0.83 8.04
CA LEU A 257 17.60 -1.05 9.40
C LEU A 257 18.93 -1.81 9.38
N ALA A 258 19.13 -2.70 8.41
CA ALA A 258 20.45 -3.37 8.29
C ALA A 258 21.52 -2.30 7.98
N ALA A 259 21.15 -1.31 7.17
CA ALA A 259 22.13 -0.35 6.67
C ALA A 259 22.49 0.76 7.66
N HIS A 260 21.72 0.87 8.73
CA HIS A 260 21.88 1.92 9.70
C HIS A 260 22.02 1.35 11.13
N PRO A 261 23.17 0.71 11.44
CA PRO A 261 23.32 0.02 12.72
C PRO A 261 23.02 0.82 13.97
N ASP A 262 23.38 2.10 14.02
CA ASP A 262 23.07 2.96 15.20
C ASP A 262 21.58 3.19 15.37
N GLN A 263 20.91 3.36 14.24
CA GLN A 263 19.48 3.54 14.26
C GLN A 263 18.82 2.23 14.72
N ARG A 264 19.28 1.11 14.18
CA ARG A 264 18.66 -0.16 14.53
C ARG A 264 18.82 -0.39 16.03
N ALA A 265 20.04 -0.24 16.53
CA ALA A 265 20.33 -0.41 17.94
C ALA A 265 19.45 0.46 18.83
N ALA A 266 19.25 1.73 18.45
CA ALA A 266 18.34 2.59 19.17
C ALA A 266 16.92 2.00 19.20
N ALA A 267 16.44 1.51 18.05
CA ALA A 267 15.07 1.00 17.90
C ALA A 267 14.87 -0.22 18.81
N LEU A 268 15.85 -1.13 18.78
CA LEU A 268 15.70 -2.37 19.56
C LEU A 268 15.94 -2.15 21.04
N ALA A 269 16.62 -1.07 21.35
CA ALA A 269 16.93 -0.74 22.74
C ALA A 269 15.68 -0.28 23.45
N ASP A 270 14.66 0.15 22.72
CA ASP A 270 13.59 0.81 23.39
C ASP A 270 12.33 0.79 22.48
N PRO A 271 11.19 0.30 22.99
CA PRO A 271 9.93 0.09 22.25
C PRO A 271 9.29 1.40 21.75
N ASP A 272 9.70 2.51 22.35
CA ASP A 272 9.22 3.79 21.87
C ASP A 272 10.08 4.31 20.75
N VAL A 273 11.34 3.90 20.68
CA VAL A 273 12.14 4.27 19.54
C VAL A 273 11.69 3.32 18.44
N MET A 274 11.31 2.08 18.78
CA MET A 274 10.83 1.17 17.72
C MET A 274 9.54 1.73 17.04
N ALA A 275 8.59 2.25 17.85
CA ALA A 275 7.36 2.81 17.32
C ALA A 275 7.72 3.99 16.35
N ARG A 276 8.67 4.85 16.75
CA ARG A 276 9.14 5.93 15.87
C ARG A 276 9.85 5.39 14.67
N ALA A 277 10.63 4.32 14.88
CA ALA A 277 11.40 3.78 13.78
C ALA A 277 10.45 3.23 12.68
N VAL A 278 9.34 2.61 13.11
CA VAL A 278 8.39 2.08 12.16
C VAL A 278 7.87 3.29 11.31
N GLU A 279 7.59 4.42 11.91
CA GLU A 279 7.10 5.60 11.10
C GLU A 279 8.20 6.09 10.16
N GLU A 280 9.47 6.00 10.56
CA GLU A 280 10.51 6.47 9.67
C GLU A 280 10.71 5.46 8.55
N VAL A 281 10.56 4.16 8.83
CA VAL A 281 10.56 3.16 7.72
C VAL A 281 9.43 3.46 6.72
N LEU A 282 8.23 3.72 7.24
CA LEU A 282 7.08 4.11 6.37
C LEU A 282 7.46 5.32 5.56
N ARG A 283 7.98 6.38 6.20
CA ARG A 283 8.34 7.56 5.39
C ARG A 283 9.37 7.25 4.25
N THR A 284 10.35 6.39 4.53
CA THR A 284 11.52 6.26 3.64
C THR A 284 11.58 4.99 2.80
N ALA A 285 10.66 4.05 3.00
CA ALA A 285 10.76 2.75 2.31
C ALA A 285 11.03 2.82 0.80
N ARG A 286 10.31 3.71 0.10
N ARG A 286 10.27 3.67 0.09
CA ARG A 286 10.42 3.87 -1.35
CA ARG A 286 10.41 3.89 -1.35
C ARG A 286 10.48 5.37 -1.66
C ARG A 286 10.53 5.39 -1.58
N ALA A 287 11.61 5.80 -2.21
CA ALA A 287 11.82 7.19 -2.49
C ALA A 287 11.31 7.55 -3.90
N GLY A 288 10.00 7.45 -4.15
CA GLY A 288 9.48 7.62 -5.52
C GLY A 288 8.93 6.31 -6.08
N GLY A 289 7.99 6.42 -7.02
CA GLY A 289 7.39 5.22 -7.63
C GLY A 289 6.19 4.68 -6.85
N SER A 290 5.91 5.26 -5.69
CA SER A 290 4.73 4.84 -4.87
C SER A 290 3.45 5.55 -5.30
N VAL A 291 3.05 5.25 -6.52
CA VAL A 291 1.93 5.96 -7.14
C VAL A 291 0.65 5.24 -6.83
N LEU A 292 -0.30 5.97 -6.22
CA LEU A 292 -1.59 5.43 -5.84
C LEU A 292 -2.57 5.19 -7.05
N PRO A 293 -3.73 4.44 -6.82
CA PRO A 293 -4.77 4.30 -7.81
C PRO A 293 -5.14 5.67 -8.35
N PRO A 294 -5.57 5.70 -9.61
CA PRO A 294 -5.89 6.99 -10.26
C PRO A 294 -7.10 7.70 -9.59
N ARG A 295 -7.07 9.03 -9.57
CA ARG A 295 -8.16 9.88 -9.13
C ARG A 295 -8.28 10.92 -10.25
N TYR A 296 -9.44 11.58 -10.35
CA TYR A 296 -9.76 12.52 -11.43
C TYR A 296 -10.45 13.72 -10.90
N ALA A 297 -10.19 14.89 -11.50
CA ALA A 297 -10.94 16.11 -11.15
C ALA A 297 -12.40 15.91 -11.63
N SER A 298 -13.37 16.33 -10.80
CA SER A 298 -14.75 16.17 -11.21
C SER A 298 -15.21 17.45 -11.88
N GLU A 299 -14.38 18.49 -11.82
CA GLU A 299 -14.67 19.81 -12.42
C GLU A 299 -13.38 20.66 -12.47
N ASP A 300 -13.36 21.76 -13.25
CA ASP A 300 -12.11 22.47 -13.46
C ASP A 300 -11.78 23.09 -12.16
N MET A 301 -10.49 23.20 -11.88
CA MET A 301 -10.12 23.84 -10.63
C MET A 301 -8.79 24.45 -10.87
N GLU A 302 -8.59 25.66 -10.35
N GLU A 302 -8.59 25.62 -10.29
CA GLU A 302 -7.27 26.26 -10.40
CA GLU A 302 -7.34 26.30 -10.28
C GLU A 302 -6.45 26.00 -9.13
C GLU A 302 -6.53 25.82 -9.07
N PHE A 303 -5.31 25.35 -9.34
CA PHE A 303 -4.50 24.83 -8.29
C PHE A 303 -3.01 24.95 -8.64
N GLY A 304 -2.22 25.48 -7.71
CA GLY A 304 -0.80 25.36 -7.81
C GLY A 304 -0.33 26.07 -9.07
N GLY A 305 -1.07 27.11 -9.48
CA GLY A 305 -0.66 27.93 -10.59
C GLY A 305 -1.15 27.34 -11.88
N VAL A 306 -1.92 26.26 -11.86
CA VAL A 306 -2.39 25.68 -13.12
C VAL A 306 -3.91 25.51 -13.15
N THR A 307 -4.46 25.11 -14.29
CA THR A 307 -5.87 24.78 -14.35
C THR A 307 -6.03 23.35 -14.63
N ILE A 308 -6.48 22.59 -13.62
CA ILE A 308 -6.81 21.21 -13.85
C ILE A 308 -8.19 21.20 -14.45
N ARG A 309 -8.35 20.46 -15.52
CA ARG A 309 -9.60 20.33 -16.19
C ARG A 309 -10.42 19.17 -15.66
N ALA A 310 -11.76 19.33 -15.68
CA ALA A 310 -12.70 18.22 -15.39
C ALA A 310 -12.24 17.03 -16.16
N GLY A 311 -12.20 15.87 -15.48
CA GLY A 311 -11.74 14.62 -16.11
C GLY A 311 -10.23 14.31 -16.07
N ASP A 312 -9.38 15.28 -15.72
CA ASP A 312 -7.89 15.08 -15.77
C ASP A 312 -7.47 14.10 -14.68
N LEU A 313 -6.45 13.33 -15.00
CA LEU A 313 -5.86 12.36 -14.05
C LEU A 313 -4.93 13.09 -13.14
N VAL A 314 -5.05 12.82 -11.84
CA VAL A 314 -4.21 13.47 -10.85
C VAL A 314 -3.45 12.32 -10.14
N LEU A 315 -2.13 12.36 -10.17
CA LEU A 315 -1.34 11.28 -9.61
C LEU A 315 -0.73 11.67 -8.28
N PHE A 316 -0.72 10.71 -7.35
CA PHE A 316 -0.17 10.91 -6.04
C PHE A 316 0.94 9.88 -5.89
N ASP A 317 2.20 10.34 -5.94
CA ASP A 317 3.33 9.47 -5.67
C ASP A 317 3.82 9.79 -4.27
N LEU A 318 3.68 8.84 -3.34
CA LEU A 318 3.91 9.21 -1.92
C LEU A 318 5.38 9.53 -1.64
N GLY A 319 6.32 9.07 -2.49
CA GLY A 319 7.74 9.43 -2.29
C GLY A 319 7.99 10.92 -2.34
N LEU A 320 7.22 11.63 -3.14
CA LEU A 320 7.47 13.03 -3.29
C LEU A 320 7.25 13.83 -2.03
N PRO A 321 6.04 13.79 -1.45
CA PRO A 321 5.90 14.52 -0.17
C PRO A 321 6.79 13.97 0.94
N ASN A 322 7.10 12.66 0.92
CA ASN A 322 7.80 12.05 2.04
C ASN A 322 9.28 12.48 2.06
N PHE A 323 9.73 12.99 0.92
CA PHE A 323 11.14 13.42 0.79
C PHE A 323 11.24 14.93 0.59
N ASP A 324 10.11 15.63 0.80
CA ASP A 324 10.02 17.10 0.64
C ASP A 324 10.77 17.83 1.82
N GLU A 325 11.87 18.51 1.50
CA GLU A 325 12.62 19.17 2.52
C GLU A 325 11.80 20.36 3.12
N ARG A 326 10.67 20.75 2.50
CA ARG A 326 9.77 21.78 3.12
C ARG A 326 9.00 21.20 4.30
N ALA A 327 8.88 19.87 4.34
CA ALA A 327 8.11 19.19 5.42
C ALA A 327 9.00 18.48 6.46
N PHE A 328 10.20 18.12 6.04
CA PHE A 328 11.15 17.30 6.79
C PHE A 328 12.54 17.92 6.77
N THR A 329 13.12 18.00 7.96
CA THR A 329 14.55 18.40 8.13
C THR A 329 15.36 17.19 7.80
N GLY A 330 16.31 17.38 6.87
CA GLY A 330 17.18 16.29 6.45
C GLY A 330 16.37 15.08 5.95
N PRO A 331 15.51 15.26 4.92
CA PRO A 331 14.67 14.11 4.47
C PRO A 331 15.44 12.90 3.89
N GLU A 332 16.69 13.10 3.45
CA GLU A 332 17.49 11.94 3.01
C GLU A 332 18.11 11.17 4.17
N GLU A 333 18.03 11.69 5.39
CA GLU A 333 18.57 10.95 6.59
C GLU A 333 17.49 9.98 7.16
N PHE A 334 17.93 8.76 7.45
CA PHE A 334 17.11 7.81 8.14
C PHE A 334 17.31 8.01 9.63
N ASP A 335 16.32 8.63 10.25
CA ASP A 335 16.39 8.95 11.64
C ASP A 335 15.25 8.19 12.35
N ALA A 336 15.61 7.04 12.92
CA ALA A 336 14.64 6.17 13.53
C ALA A 336 13.93 6.85 14.66
N ALA A 337 14.43 7.97 15.17
CA ALA A 337 13.75 8.64 16.30
C ALA A 337 12.94 9.85 15.84
N ARG A 338 12.87 10.05 14.52
CA ARG A 338 12.26 11.29 13.98
C ARG A 338 10.88 11.59 14.56
N THR A 339 10.72 12.76 15.22
CA THR A 339 9.45 13.10 15.87
C THR A 339 9.25 14.61 15.88
N PRO A 340 8.13 15.18 15.34
CA PRO A 340 7.07 14.44 14.68
C PRO A 340 7.55 13.89 13.36
N ASN A 341 6.70 13.12 12.71
CA ASN A 341 7.06 12.54 11.39
C ASN A 341 5.79 12.54 10.56
N PRO A 342 5.51 13.67 9.88
CA PRO A 342 4.20 13.81 9.24
C PRO A 342 4.19 13.13 7.83
N HIS A 343 4.72 11.90 7.71
CA HIS A 343 4.75 11.21 6.43
C HIS A 343 3.31 10.96 5.89
N LEU A 344 3.22 10.75 4.57
CA LEU A 344 1.90 10.51 3.97
C LEU A 344 1.79 9.11 3.43
N THR A 345 2.57 8.18 3.99
CA THR A 345 2.58 6.79 3.49
C THR A 345 1.26 6.02 3.64
N PHE A 346 0.46 6.39 4.65
CA PHE A 346 -0.90 5.87 4.77
C PHE A 346 -1.97 6.86 4.20
N GLY A 347 -1.54 7.84 3.39
CA GLY A 347 -2.53 8.78 2.77
C GLY A 347 -3.03 9.73 3.85
N HIS A 348 -4.19 10.32 3.66
CA HIS A 348 -4.65 11.32 4.61
C HIS A 348 -6.09 11.63 4.24
N GLY A 349 -6.87 12.13 5.18
CA GLY A 349 -8.19 12.66 4.79
C GLY A 349 -9.11 11.50 4.49
N ILE A 350 -9.90 11.58 3.44
CA ILE A 350 -10.78 10.47 3.18
C ILE A 350 -10.14 9.36 2.38
N TRP A 351 -8.90 9.56 1.92
CA TRP A 351 -8.03 8.55 1.23
C TRP A 351 -6.91 8.22 2.18
N HIS A 352 -7.31 7.59 3.30
CA HIS A 352 -6.40 7.28 4.41
C HIS A 352 -6.54 5.77 4.69
N CYS A 353 -5.45 5.12 4.95
CA CYS A 353 -5.47 3.71 5.15
C CYS A 353 -6.33 3.28 6.31
N ILE A 354 -7.32 2.44 6.07
CA ILE A 354 -8.16 2.04 7.19
C ILE A 354 -7.46 0.87 7.93
N GLY A 355 -6.50 0.21 7.29
CA GLY A 355 -5.79 -0.92 7.92
C GLY A 355 -4.53 -0.53 8.72
N ALA A 356 -4.29 0.78 8.78
CA ALA A 356 -2.98 1.26 9.31
C ALA A 356 -2.66 0.70 10.71
N PRO A 357 -3.68 0.54 11.60
CA PRO A 357 -3.36 0.06 12.95
C PRO A 357 -2.82 -1.34 12.93
N LEU A 358 -3.36 -2.18 12.04
CA LEU A 358 -2.86 -3.56 11.86
C LEU A 358 -1.49 -3.56 11.16
N ALA A 359 -1.35 -2.74 10.11
CA ALA A 359 -0.05 -2.65 9.45
C ALA A 359 1.04 -2.25 10.44
N ARG A 360 0.77 -1.20 11.22
CA ARG A 360 1.78 -0.80 12.24
C ARG A 360 2.12 -1.92 13.25
N LEU A 361 1.11 -2.61 13.79
CA LEU A 361 1.33 -3.79 14.64
C LEU A 361 2.19 -4.86 13.95
N GLU A 362 1.89 -5.18 12.70
CA GLU A 362 2.70 -6.13 11.96
C GLU A 362 4.16 -5.70 11.81
N LEU A 363 4.37 -4.44 11.44
CA LEU A 363 5.71 -3.88 11.33
C LEU A 363 6.50 -3.90 12.65
N ARG A 364 5.93 -3.39 13.75
CA ARG A 364 6.65 -3.41 15.02
C ARG A 364 6.94 -4.86 15.36
N THR A 365 5.94 -5.74 15.17
CA THR A 365 6.12 -7.11 15.62
C THR A 365 7.28 -7.75 14.88
N MET A 366 7.26 -7.71 13.55
CA MET A 366 8.32 -8.38 12.80
C MET A 366 9.71 -7.73 12.88
N PHE A 367 9.84 -6.42 12.74
CA PHE A 367 11.14 -5.78 12.97
C PHE A 367 11.75 -6.20 14.28
N THR A 368 10.95 -6.18 15.35
CA THR A 368 11.51 -6.50 16.66
C THR A 368 11.99 -7.93 16.70
N LYS A 369 11.18 -8.89 16.32
CA LYS A 369 11.56 -10.30 16.40
C LYS A 369 12.73 -10.60 15.45
N LEU A 370 12.66 -10.11 14.22
CA LEU A 370 13.67 -10.35 13.21
C LEU A 370 15.03 -9.92 13.72
N PHE A 371 15.11 -8.67 14.18
CA PHE A 371 16.41 -8.12 14.60
C PHE A 371 16.87 -8.58 15.98
N THR A 372 15.93 -8.97 16.84
CA THR A 372 16.28 -9.61 18.11
C THR A 372 16.95 -10.97 17.84
N ARG A 373 16.36 -11.77 16.96
CA ARG A 373 16.84 -13.11 16.77
C ARG A 373 18.00 -13.14 15.82
N LEU A 374 17.97 -12.26 14.85
CA LEU A 374 18.97 -12.17 13.84
C LEU A 374 19.58 -10.75 13.78
N PRO A 375 20.41 -10.39 14.80
CA PRO A 375 20.97 -9.03 14.90
C PRO A 375 21.75 -8.60 13.67
N GLU A 376 22.42 -9.54 13.00
CA GLU A 376 23.27 -9.21 11.88
C GLU A 376 22.59 -9.42 10.51
N LEU A 377 21.29 -9.73 10.53
CA LEU A 377 20.49 -9.86 9.29
C LEU A 377 20.76 -8.75 8.26
N ARG A 378 21.03 -9.07 7.00
CA ARG A 378 21.34 -8.03 6.00
C ARG A 378 21.16 -8.56 4.57
N PRO A 379 20.89 -7.69 3.60
CA PRO A 379 20.77 -8.32 2.27
C PRO A 379 22.14 -8.92 1.82
N GLU A 380 22.09 -10.00 1.05
CA GLU A 380 23.28 -10.64 0.52
C GLU A 380 23.92 -9.74 -0.54
N LEU A 381 23.11 -9.19 -1.44
CA LEU A 381 23.60 -8.33 -2.51
C LEU A 381 23.74 -6.87 -2.06
N PRO A 382 24.68 -6.09 -2.66
CA PRO A 382 24.61 -4.64 -2.49
C PRO A 382 23.24 -4.15 -2.93
N VAL A 383 22.69 -3.21 -2.18
CA VAL A 383 21.34 -2.67 -2.44
C VAL A 383 21.02 -2.35 -3.93
N GLU A 384 21.96 -1.72 -4.64
CA GLU A 384 21.69 -1.34 -6.04
C GLU A 384 21.52 -2.57 -6.97
N GLN A 385 21.81 -3.77 -6.47
CA GLN A 385 21.58 -4.96 -7.27
C GLN A 385 20.28 -5.67 -6.90
N LEU A 386 19.54 -5.20 -5.89
CA LEU A 386 18.21 -5.80 -5.59
C LEU A 386 17.29 -5.63 -6.80
N ARG A 387 16.54 -6.67 -7.14
CA ARG A 387 15.71 -6.66 -8.31
C ARG A 387 14.22 -6.50 -7.94
N LEU A 388 13.53 -5.56 -8.59
CA LEU A 388 12.08 -5.36 -8.44
C LEU A 388 11.30 -6.22 -9.44
N LYS A 389 10.11 -6.70 -9.04
CA LYS A 389 9.24 -7.45 -9.92
C LYS A 389 8.79 -6.52 -11.05
N GLU A 390 8.71 -7.01 -12.29
CA GLU A 390 8.18 -6.16 -13.38
C GLU A 390 6.81 -6.55 -13.77
N GLY A 391 6.06 -5.62 -14.35
CA GLY A 391 4.77 -5.95 -14.91
C GLY A 391 3.70 -6.36 -13.87
N GLN A 392 3.84 -5.86 -12.64
N GLN A 392 3.84 -5.87 -12.63
CA GLN A 392 2.93 -6.22 -11.57
CA GLN A 392 2.97 -6.29 -11.53
C GLN A 392 2.61 -5.01 -10.73
C GLN A 392 2.61 -5.09 -10.66
N LEU A 393 1.32 -4.76 -10.58
CA LEU A 393 0.83 -3.65 -9.68
C LEU A 393 1.22 -3.98 -8.24
N SER A 394 1.79 -3.03 -7.50
CA SER A 394 2.24 -3.30 -6.16
C SER A 394 3.25 -4.46 -6.05
N GLY A 395 4.07 -4.66 -7.06
CA GLY A 395 4.85 -5.89 -7.10
C GLY A 395 6.02 -6.06 -6.10
N GLY A 396 6.62 -4.96 -5.66
CA GLY A 396 7.70 -5.06 -4.70
C GLY A 396 8.92 -5.84 -5.21
N PHE A 397 9.75 -6.39 -4.32
CA PHE A 397 10.94 -7.09 -4.73
C PHE A 397 10.61 -8.42 -5.37
N ALA A 398 11.34 -8.82 -6.42
CA ALA A 398 11.19 -10.20 -6.99
C ALA A 398 11.73 -11.23 -5.97
N GLU A 399 12.81 -10.88 -5.27
N GLU A 399 12.78 -10.84 -5.26
CA GLU A 399 13.26 -11.70 -4.14
CA GLU A 399 13.32 -11.67 -4.20
C GLU A 399 14.15 -10.82 -3.30
C GLU A 399 14.09 -10.75 -3.29
N LEU A 400 14.28 -11.13 -2.03
CA LEU A 400 15.17 -10.37 -1.17
C LEU A 400 16.05 -11.32 -0.36
N ARG A 401 17.12 -11.82 -0.99
CA ARG A 401 17.95 -12.78 -0.32
C ARG A 401 18.71 -12.10 0.80
N VAL A 402 18.65 -12.68 2.00
CA VAL A 402 19.34 -12.11 3.15
C VAL A 402 20.31 -13.16 3.75
N VAL A 403 21.33 -12.68 4.44
CA VAL A 403 22.19 -13.58 5.22
C VAL A 403 22.21 -13.07 6.63
N TRP A 404 22.71 -13.90 7.53
CA TRP A 404 22.86 -13.50 8.93
C TRP A 404 24.00 -14.30 9.63
#